data_3SKI
#
_entry.id   3SKI
#
_cell.length_a   34.930
_cell.length_b   47.795
_cell.length_c   228.281
_cell.angle_alpha   90.00
_cell.angle_beta   90.00
_cell.angle_gamma   90.00
#
_symmetry.space_group_name_H-M   'P 21 21 21'
#
loop_
_entity.id
_entity.type
_entity.pdbx_description
1 polymer 'RNA (68-MER)'
2 polymer 'RNA (68-MER)'
3 non-polymer "2'-DEOXY-GUANOSINE"
4 non-polymer 'MAGNESIUM ION'
5 non-polymer 'SUCCINIC ACID'
6 non-polymer 'SULFATE ION'
7 water water
#
loop_
_entity_poly.entity_id
_entity_poly.type
_entity_poly.pdbx_seq_one_letter_code
_entity_poly.pdbx_strand_id
1 'polyribonucleotide' (GTP)GCCUUAUACAGGGUAGCAUAAUGGGCUACUGACCCCGCCUUCAAACCUAUUUGGAGACUAUAAGGU(CCC) A
2 'polyribonucleotide' GGCCUUAUACAGGGUAGCAUAAUGGGCUACUGACCCCGCCUUCAAACCUAUUUGGAGACUAUAAGGU(CCC) B
#
loop_
_chem_comp.id
_chem_comp.type
_chem_comp.name
_chem_comp.formula
A RNA linking ADENOSINE-5'-MONOPHOSPHATE 'C10 H14 N5 O7 P'
C RNA linking CYTIDINE-5'-MONOPHOSPHATE 'C9 H14 N3 O8 P'
CCC RNA linking 'CYTIDINE-5'-PHOSPHATE-2',3'-CYCLIC PHOSPHATE' 'C9 H13 N3 O10 P2'
G RNA linking GUANOSINE-5'-MONOPHOSPHATE 'C10 H14 N5 O8 P'
GNG non-polymer 2'-DEOXY-GUANOSINE 'C10 H13 N5 O4'
GTP non-polymer GUANOSINE-5'-TRIPHOSPHATE 'C10 H16 N5 O14 P3'
MG non-polymer 'MAGNESIUM ION' 'Mg 2'
SIN non-polymer 'SUCCINIC ACID' 'C4 H6 O4'
SO4 non-polymer 'SULFATE ION' 'O4 S -2'
U RNA linking URIDINE-5'-MONOPHOSPHATE 'C9 H13 N2 O9 P'
#
# COMPACT_ATOMS: atom_id res chain seq x y z
PG GTP A 1 -22.84 -27.29 -19.57
O1G GTP A 1 -22.42 -25.86 -19.90
O2G GTP A 1 -22.12 -27.75 -18.32
O3G GTP A 1 -22.47 -28.20 -20.72
O3B GTP A 1 -24.44 -27.30 -19.35
PB GTP A 1 -25.17 -26.24 -18.38
O1B GTP A 1 -26.62 -26.64 -18.18
O2B GTP A 1 -25.08 -24.83 -18.94
O3A GTP A 1 -24.38 -26.39 -16.99
PA GTP A 1 -24.08 -25.13 -16.03
O1A GTP A 1 -25.28 -24.21 -15.98
O2A GTP A 1 -22.84 -24.40 -16.46
O5' GTP A 1 -23.85 -25.83 -14.59
C5' GTP A 1 -24.83 -25.71 -13.57
C4' GTP A 1 -24.85 -26.96 -12.70
O4' GTP A 1 -25.34 -28.07 -13.40
C3' GTP A 1 -23.48 -27.40 -12.24
O3' GTP A 1 -23.00 -26.64 -11.15
C2' GTP A 1 -23.64 -28.88 -11.91
O2' GTP A 1 -24.26 -29.04 -10.65
C1' GTP A 1 -24.62 -29.24 -13.01
N9 GTP A 1 -23.86 -29.80 -14.16
C8 GTP A 1 -23.63 -29.20 -15.37
N7 GTP A 1 -22.88 -30.02 -16.13
C5 GTP A 1 -22.61 -31.14 -15.41
C6 GTP A 1 -21.89 -32.30 -15.71
O6 GTP A 1 -21.34 -32.42 -16.80
N1 GTP A 1 -21.79 -33.30 -14.78
C2 GTP A 1 -22.39 -33.16 -13.54
N2 GTP A 1 -22.29 -34.13 -12.63
N3 GTP A 1 -23.12 -32.01 -13.24
C4 GTP A 1 -23.22 -31.01 -14.17
PC CCC A 68 -21.91 -41.24 -12.41
O1C CCC A 68 -23.22 -41.96 -12.68
O2C CCC A 68 -21.72 -41.03 -10.92
P CCC A 68 -16.47 -42.29 -16.47
OP1 CCC A 68 -16.24 -43.73 -16.10
OP2 CCC A 68 -16.72 -41.91 -17.91
O5' CCC A 68 -17.71 -41.73 -15.59
C5' CCC A 68 -17.68 -41.83 -14.16
C4' CCC A 68 -18.74 -40.89 -13.58
O4' CCC A 68 -18.55 -39.59 -14.11
C3' CCC A 68 -20.14 -41.30 -14.01
O3' CCC A 68 -20.70 -42.11 -12.96
C2' CCC A 68 -20.87 -39.97 -14.16
O2' CCC A 68 -21.90 -39.83 -13.18
C1' CCC A 68 -19.78 -38.90 -13.97
N1 CCC A 68 -19.87 -37.82 -14.95
C2 CCC A 68 -20.33 -36.61 -14.62
O2 CCC A 68 -20.71 -36.36 -13.49
N3 CCC A 68 -20.37 -35.67 -15.55
C4 CCC A 68 -19.96 -36.02 -16.76
N4 CCC A 68 -19.98 -35.12 -17.75
C5 CCC A 68 -19.54 -37.20 -16.97
C6 CCC A 68 -19.50 -38.03 -16.11
PC CCC B 68 39.21 60.70 24.44
O1C CCC B 68 39.13 62.21 24.41
O2C CCC B 68 38.82 60.11 23.12
P CCC B 68 43.51 56.38 27.32
OP1 CCC B 68 44.82 56.85 26.73
OP2 CCC B 68 43.33 56.36 28.82
O5' CCC B 68 42.34 57.27 26.69
C5' CCC B 68 42.11 57.32 25.27
C4' CCC B 68 40.71 57.84 25.01
O4' CCC B 68 39.76 56.94 25.58
C3' CCC B 68 40.50 59.17 25.72
O3' CCC B 68 40.69 60.25 24.80
C2' CCC B 68 39.05 59.11 26.20
O2' CCC B 68 38.25 60.11 25.58
C1' CCC B 68 38.58 57.71 25.80
N1 CCC B 68 37.74 57.07 26.81
C2 CCC B 68 36.41 57.06 26.68
O2 CCC B 68 35.86 57.60 25.73
N3 CCC B 68 35.68 56.48 27.62
C4 CCC B 68 36.34 55.93 28.63
N4 CCC B 68 35.68 55.32 29.60
C5 CCC B 68 37.61 55.99 28.65
C6 CCC B 68 38.25 56.54 27.79
O5' GNG C . -10.25 -13.08 -16.98
C5' GNG C . -10.45 -11.71 -17.28
C4' GNG C . -11.54 -11.08 -16.40
O4' GNG C . -11.42 -11.54 -15.06
C1' GNG C . -10.69 -10.60 -14.26
N9 GNG C . -9.47 -11.31 -13.81
C8 GNG C . -8.27 -11.36 -14.42
N7 GNG C . -7.45 -12.16 -13.68
C5 GNG C . -8.16 -12.60 -12.62
C4 GNG C . -9.43 -12.08 -12.71
N3 GNG C . -10.35 -12.37 -11.77
C2 GNG C . -10.07 -13.19 -10.72
N1 GNG C . -8.84 -13.74 -10.57
C6 GNG C . -7.87 -13.50 -11.47
O6 GNG C . -6.74 -14.00 -11.34
N2 GNG C . -11.03 -13.45 -9.80
C2' GNG C . -10.41 -9.39 -15.15
C3' GNG C . -11.33 -9.59 -16.34
O3' GNG C . -12.59 -8.99 -16.05
MG MG D . -22.58 -21.26 -8.44
MG MG E . -4.19 -7.34 -17.41
MG MG F . -16.56 -7.49 -7.83
C1 SIN G . -22.11 -13.43 -9.03
O1 SIN G . -22.82 -12.42 -8.76
O2 SIN G . -21.58 -14.05 -8.08
C2 SIN G . -21.91 -13.88 -10.46
C3 SIN G . -23.21 -14.43 -11.05
C4 SIN G . -22.99 -15.83 -11.58
O3 SIN G . -23.03 -16.82 -10.80
O4 SIN G . -22.77 -16.03 -12.80
S SO4 H . -16.42 -27.02 -15.97
O1 SO4 H . -16.97 -28.16 -16.70
O2 SO4 H . -14.96 -27.03 -16.06
O3 SO4 H . -16.80 -27.12 -14.55
O4 SO4 H . -16.94 -25.78 -16.54
S SO4 I . 5.03 -9.48 0.55
O1 SO4 I . 5.01 -10.83 1.11
O2 SO4 I . 5.15 -8.51 1.64
O3 SO4 I . 3.78 -9.24 -0.18
O4 SO4 I . 6.16 -9.34 -0.36
S SO4 J . -4.64 -19.10 -11.59
O1 SO4 J . -5.51 -19.97 -12.37
O2 SO4 J . -4.89 -19.30 -10.17
O3 SO4 J . -4.91 -17.70 -11.92
O4 SO4 J . -3.24 -19.41 -11.89
S SO4 K . 0.34 11.57 -3.08
O1 SO4 K . -0.63 10.70 -3.75
O2 SO4 K . -0.20 12.05 -1.81
O3 SO4 K . 0.66 12.70 -3.94
O4 SO4 K . 1.56 10.81 -2.82
S SO4 L . 14.38 -4.68 5.85
O1 SO4 L . 14.83 -5.64 6.87
O2 SO4 L . 15.55 -3.97 5.30
O3 SO4 L . 13.48 -3.71 6.47
O4 SO4 L . 13.69 -5.39 4.78
O5' GNG M . 21.64 35.48 28.30
C5' GNG M . 20.37 35.04 28.81
C4' GNG M . 19.26 35.35 27.80
O4' GNG M . 19.83 35.84 26.56
C1' GNG M . 19.28 35.13 25.43
N9 GNG M . 20.38 34.44 24.70
C8 GNG M . 21.00 33.31 25.08
N7 GNG M . 21.95 32.99 24.17
C5 GNG M . 21.92 33.94 23.21
C4 GNG M . 20.94 34.85 23.55
N3 GNG M . 20.72 35.93 22.74
C2 GNG M . 21.44 36.12 21.60
N1 GNG M . 22.41 35.26 21.22
C6 GNG M . 22.70 34.17 21.97
O6 GNG M . 23.60 33.38 21.62
N2 GNG M . 21.17 37.20 20.83
C2' GNG M . 18.27 34.12 25.98
C3' GNG M . 18.45 34.11 27.47
O3' GNG M . 17.19 34.14 28.13
MG MG N . 26.73 14.01 6.35
S SO4 O . 30.39 48.35 27.28
O1 SO4 O . 29.02 48.05 27.67
O2 SO4 O . 31.13 48.80 28.46
O3 SO4 O . 30.41 49.40 26.26
O4 SO4 O . 31.02 47.14 26.75
S SO4 P . 24.60 23.06 8.48
O1 SO4 P . 24.23 22.19 9.60
O2 SO4 P . 25.65 23.99 8.91
O3 SO4 P . 23.42 23.82 8.04
O4 SO4 P . 25.09 22.24 7.37
S SO4 Q . 5.05 16.35 13.77
O1 SO4 Q . 4.86 14.97 14.22
O2 SO4 Q . 6.04 17.01 14.63
O3 SO4 Q . 3.76 17.08 13.84
O4 SO4 Q . 5.53 16.35 12.36
#